data_5GLJ
#
_entry.id   5GLJ
#
_cell.length_a   32.034
_cell.length_b   57.571
_cell.length_c   168.971
_cell.angle_alpha   90.00
_cell.angle_beta   90.00
_cell.angle_gamma   90.00
#
_symmetry.space_group_name_H-M   'P 21 21 21'
#
loop_
_entity.id
_entity.type
_entity.pdbx_description
1 polymer 'Tyrosine-protein phosphatase non-receptor type 13'
2 non-polymer 'CHLORIDE ION'
3 water water
#
_entity_poly.entity_id   1
_entity_poly.type   'polypeptide(L)'
_entity_poly.pdbx_seq_one_letter_code
;GHMSPEREITLVNLKKDAKYGLGFQIIGGEKMGRLDLGIFISSVAPGGPADLDGCLKPGDRLISVNSVSLEGVSHHAAIE
ILQNAPEDVTLVISQP
;
_entity_poly.pdbx_strand_id   A,B,C,D
#
# COMPACT_ATOMS: atom_id res chain seq x y z
N GLY A 1 -2.75 -18.07 4.23
CA GLY A 1 -2.51 -16.96 3.32
C GLY A 1 -1.66 -15.89 3.97
N HIS A 2 -0.67 -16.32 4.75
CA HIS A 2 0.17 -15.39 5.49
C HIS A 2 1.31 -14.83 4.65
N MET A 3 2.00 -13.83 5.17
CA MET A 3 3.08 -13.16 4.45
C MET A 3 4.21 -14.14 4.16
N SER A 4 4.80 -14.01 2.98
CA SER A 4 5.93 -14.85 2.58
C SER A 4 7.24 -14.13 2.88
N PRO A 5 8.22 -14.84 3.46
CA PRO A 5 9.55 -14.25 3.62
C PRO A 5 10.14 -13.77 2.28
N GLU A 6 9.76 -14.40 1.17
CA GLU A 6 10.17 -13.91 -0.14
C GLU A 6 9.02 -13.22 -0.88
N ARG A 7 9.24 -11.95 -1.22
CA ARG A 7 8.30 -11.21 -2.04
C ARG A 7 8.42 -11.55 -3.51
N GLU A 8 7.55 -10.94 -4.31
CA GLU A 8 7.44 -11.23 -5.72
C GLU A 8 7.69 -9.99 -6.59
N ILE A 9 8.36 -10.18 -7.73
CA ILE A 9 8.55 -9.11 -8.70
C ILE A 9 7.71 -9.37 -9.94
N THR A 10 7.05 -8.32 -10.42
CA THR A 10 6.04 -8.44 -11.47
C THR A 10 6.14 -7.31 -12.49
N LEU A 11 5.89 -7.63 -13.76
CA LEU A 11 5.77 -6.60 -14.79
C LEU A 11 4.30 -6.38 -15.11
N VAL A 12 3.89 -5.12 -15.20
CA VAL A 12 2.52 -4.75 -15.53
C VAL A 12 2.49 -3.82 -16.75
N ASN A 13 1.72 -4.21 -17.76
CA ASN A 13 1.57 -3.40 -18.96
C ASN A 13 0.22 -2.73 -18.97
N LEU A 14 0.21 -1.39 -18.98
CA LEU A 14 -1.04 -0.64 -18.97
C LEU A 14 -1.09 0.41 -20.10
N LYS A 15 -2.30 0.76 -20.50
CA LYS A 15 -2.49 1.89 -21.42
C LYS A 15 -3.28 2.98 -20.69
N LYS A 16 -2.78 4.20 -20.69
CA LYS A 16 -3.49 5.31 -20.07
C LYS A 16 -4.84 5.52 -20.71
N ASP A 17 -5.81 5.86 -19.87
CA ASP A 17 -7.13 6.25 -20.32
C ASP A 17 -7.27 7.76 -20.17
N ALA A 18 -8.03 8.41 -21.05
CA ALA A 18 -8.12 9.87 -21.03
C ALA A 18 -8.72 10.39 -19.74
N LYS A 19 -9.58 9.60 -19.11
CA LYS A 19 -10.20 10.02 -17.87
C LYS A 19 -9.53 9.42 -16.63
N TYR A 20 -9.18 8.13 -16.69
CA TYR A 20 -8.60 7.44 -15.55
C TYR A 20 -7.09 7.62 -15.39
N GLY A 21 -6.42 8.01 -16.48
CA GLY A 21 -4.97 7.92 -16.51
C GLY A 21 -4.62 6.45 -16.40
N LEU A 22 -3.64 6.11 -15.55
CA LEU A 22 -3.31 4.71 -15.35
C LEU A 22 -4.26 4.00 -14.37
N GLY A 23 -5.07 4.78 -13.66
CA GLY A 23 -6.05 4.19 -12.76
C GLY A 23 -5.53 3.77 -11.39
N PHE A 24 -4.51 4.47 -10.89
CA PHE A 24 -4.06 4.21 -9.53
C PHE A 24 -3.39 5.44 -8.94
N GLN A 25 -3.30 5.47 -7.61
CA GLN A 25 -2.60 6.54 -6.92
C GLN A 25 -1.42 5.99 -6.16
N ILE A 26 -0.50 6.88 -5.79
CA ILE A 26 0.69 6.48 -5.05
C ILE A 26 0.90 7.29 -3.79
N ILE A 27 1.68 6.71 -2.89
CA ILE A 27 2.03 7.36 -1.65
C ILE A 27 3.50 7.12 -1.36
N GLY A 28 4.06 7.97 -0.51
CA GLY A 28 5.44 7.83 -0.11
C GLY A 28 5.88 9.17 0.46
N GLY A 29 7.07 9.18 1.04
CA GLY A 29 7.62 10.38 1.63
C GLY A 29 8.29 11.28 0.61
N GLU A 30 8.84 12.39 1.08
CA GLU A 30 9.48 13.34 0.18
C GLU A 30 11.01 13.30 0.31
N LYS A 31 11.50 12.77 1.42
CA LYS A 31 12.94 12.65 1.66
C LYS A 31 13.39 11.23 1.31
N MET A 32 14.30 11.12 0.35
CA MET A 32 14.71 9.82 -0.15
C MET A 32 16.24 9.72 -0.29
N GLY A 33 16.83 8.63 0.20
CA GLY A 33 18.23 8.34 -0.08
C GLY A 33 18.36 7.92 -1.53
N ARG A 34 19.58 7.97 -2.09
CA ARG A 34 19.72 7.78 -3.53
C ARG A 34 19.20 6.42 -4.01
N LEU A 35 19.25 5.40 -3.16
CA LEU A 35 18.83 4.06 -3.57
C LEU A 35 17.52 3.66 -2.90
N ASP A 36 16.88 4.59 -2.20
CA ASP A 36 15.64 4.26 -1.51
C ASP A 36 14.51 4.07 -2.50
N LEU A 37 13.65 3.09 -2.22
CA LEU A 37 12.43 2.89 -2.97
C LEU A 37 11.23 3.08 -2.04
N GLY A 38 10.70 4.30 -2.02
CA GLY A 38 9.69 4.67 -1.04
C GLY A 38 8.31 4.90 -1.60
N ILE A 39 8.10 4.53 -2.87
CA ILE A 39 6.82 4.77 -3.52
C ILE A 39 5.99 3.50 -3.55
N PHE A 40 4.74 3.60 -3.08
CA PHE A 40 3.85 2.43 -3.02
C PHE A 40 2.49 2.79 -3.59
N ILE A 41 1.76 1.79 -4.07
CA ILE A 41 0.40 1.99 -4.56
C ILE A 41 -0.58 2.21 -3.40
N SER A 42 -1.41 3.24 -3.47
CA SER A 42 -2.36 3.47 -2.38
C SER A 42 -3.80 3.14 -2.74
N SER A 43 -4.12 3.16 -4.02
CA SER A 43 -5.48 2.87 -4.46
C SER A 43 -5.50 2.50 -5.92
N VAL A 44 -6.51 1.71 -6.31
CA VAL A 44 -6.73 1.32 -7.69
C VAL A 44 -8.20 1.57 -8.02
N ALA A 45 -8.45 2.41 -9.01
CA ALA A 45 -9.82 2.85 -9.29
C ALA A 45 -10.60 1.78 -10.05
N PRO A 46 -11.78 1.41 -9.53
CA PRO A 46 -12.62 0.44 -10.26
C PRO A 46 -12.88 0.90 -11.69
N GLY A 47 -12.64 0.02 -12.66
CA GLY A 47 -12.90 0.34 -14.04
C GLY A 47 -11.74 1.00 -14.78
N GLY A 48 -10.70 1.37 -14.04
CA GLY A 48 -9.52 1.95 -14.65
C GLY A 48 -8.58 0.90 -15.22
N PRO A 49 -7.55 1.35 -15.94
CA PRO A 49 -6.63 0.40 -16.59
C PRO A 49 -6.00 -0.57 -15.61
N ALA A 50 -5.50 -0.08 -14.47
CA ALA A 50 -4.86 -0.97 -13.51
C ALA A 50 -5.83 -2.01 -12.96
N ASP A 51 -7.05 -1.56 -12.66
CA ASP A 51 -8.09 -2.45 -12.16
C ASP A 51 -8.43 -3.56 -13.16
N LEU A 52 -8.69 -3.16 -14.40
CA LEU A 52 -9.08 -4.11 -15.43
C LEU A 52 -7.97 -5.12 -15.73
N ASP A 53 -6.72 -4.67 -15.63
CA ASP A 53 -5.58 -5.56 -15.88
C ASP A 53 -5.44 -6.61 -14.78
N GLY A 54 -5.78 -6.22 -13.56
CA GLY A 54 -6.01 -7.17 -12.48
C GLY A 54 -4.79 -7.55 -11.66
N CYS A 55 -3.64 -6.99 -12.00
CA CYS A 55 -2.40 -7.35 -11.31
C CYS A 55 -2.01 -6.38 -10.20
N LEU A 56 -1.95 -5.10 -10.55
CA LEU A 56 -1.56 -4.05 -9.60
C LEU A 56 -2.56 -3.87 -8.47
N LYS A 57 -2.07 -3.83 -7.23
CA LYS A 57 -2.91 -3.69 -6.05
C LYS A 57 -2.33 -2.68 -5.08
N PRO A 58 -3.17 -2.05 -4.25
CA PRO A 58 -2.57 -1.19 -3.21
C PRO A 58 -1.59 -1.98 -2.34
N GLY A 59 -0.50 -1.32 -1.96
CA GLY A 59 0.54 -1.98 -1.18
C GLY A 59 1.70 -2.47 -2.01
N ASP A 60 1.47 -2.62 -3.31
CA ASP A 60 2.57 -2.97 -4.20
C ASP A 60 3.58 -1.84 -4.22
N ARG A 61 4.84 -2.18 -4.46
CA ARG A 61 5.93 -1.19 -4.43
C ARG A 61 6.35 -0.86 -5.85
N LEU A 62 6.34 0.42 -6.20
CA LEU A 62 6.63 0.82 -7.57
C LEU A 62 8.13 1.00 -7.81
N ILE A 63 8.68 0.17 -8.68
CA ILE A 63 10.14 0.18 -8.87
C ILE A 63 10.55 0.91 -10.14
N SER A 64 9.77 0.76 -11.20
CA SER A 64 10.06 1.56 -12.39
C SER A 64 8.86 1.81 -13.29
N VAL A 65 9.00 2.86 -14.09
CA VAL A 65 8.00 3.30 -15.05
C VAL A 65 8.73 3.45 -16.38
N ASN A 66 8.45 2.56 -17.33
CA ASN A 66 9.14 2.53 -18.62
C ASN A 66 10.65 2.64 -18.47
N SER A 67 11.18 1.82 -17.57
CA SER A 67 12.63 1.65 -17.30
C SER A 67 13.20 2.78 -16.44
N VAL A 68 12.41 3.82 -16.17
CA VAL A 68 12.85 4.87 -15.26
C VAL A 68 12.72 4.41 -13.82
N SER A 69 13.85 4.25 -13.12
CA SER A 69 13.86 3.81 -11.73
C SER A 69 13.28 4.80 -10.74
N LEU A 70 12.52 4.30 -9.77
CA LEU A 70 12.04 5.15 -8.69
C LEU A 70 13.03 5.25 -7.51
N GLU A 71 14.21 4.67 -7.67
CA GLU A 71 15.26 4.79 -6.65
C GLU A 71 15.63 6.25 -6.41
N GLY A 72 15.55 6.67 -5.15
CA GLY A 72 15.88 8.02 -4.76
C GLY A 72 14.85 9.06 -5.17
N VAL A 73 13.68 8.62 -5.62
CA VAL A 73 12.68 9.55 -6.16
C VAL A 73 11.61 9.90 -5.11
N SER A 74 11.40 11.21 -4.91
CA SER A 74 10.41 11.68 -3.95
C SER A 74 9.00 11.46 -4.45
N HIS A 75 8.03 11.56 -3.55
CA HIS A 75 6.64 11.43 -3.94
C HIS A 75 6.27 12.44 -5.03
N HIS A 76 6.70 13.70 -4.87
CA HIS A 76 6.32 14.71 -5.87
C HIS A 76 6.94 14.38 -7.22
N ALA A 77 8.16 13.88 -7.22
CA ALA A 77 8.82 13.54 -8.47
C ALA A 77 8.21 12.28 -9.10
N ALA A 78 7.73 11.37 -8.26
CA ALA A 78 7.15 10.12 -8.77
C ALA A 78 5.83 10.45 -9.47
N ILE A 79 5.06 11.35 -8.88
CA ILE A 79 3.81 11.81 -9.47
C ILE A 79 4.10 12.39 -10.85
N GLU A 80 5.18 13.16 -10.94
CA GLU A 80 5.57 13.77 -12.20
C GLU A 80 6.01 12.74 -13.22
N ILE A 81 6.76 11.72 -12.79
CA ILE A 81 7.15 10.62 -13.68
C ILE A 81 5.92 9.89 -14.23
N LEU A 82 4.91 9.66 -13.38
CA LEU A 82 3.71 8.96 -13.85
C LEU A 82 2.91 9.83 -14.81
N GLN A 83 2.83 11.11 -14.48
CA GLN A 83 2.17 12.09 -15.34
C GLN A 83 2.86 12.23 -16.71
N ASN A 84 4.19 12.23 -16.70
CA ASN A 84 4.96 12.40 -17.92
C ASN A 84 5.10 11.15 -18.78
N ALA A 85 4.66 10.01 -18.24
CA ALA A 85 4.76 8.75 -18.97
C ALA A 85 3.86 8.77 -20.21
N PRO A 86 4.27 8.07 -21.27
CA PRO A 86 3.46 7.98 -22.48
C PRO A 86 2.24 7.11 -22.29
N GLU A 87 1.42 6.97 -23.31
CA GLU A 87 0.18 6.23 -23.16
C GLU A 87 0.44 4.77 -22.79
N ASP A 88 1.43 4.15 -23.43
CA ASP A 88 1.75 2.76 -23.12
C ASP A 88 2.84 2.69 -22.07
N VAL A 89 2.50 2.12 -20.93
CA VAL A 89 3.40 2.09 -19.79
C VAL A 89 3.69 0.66 -19.37
N THR A 90 4.95 0.38 -19.07
CA THR A 90 5.32 -0.88 -18.45
C THR A 90 5.85 -0.60 -17.06
N LEU A 91 5.23 -1.20 -16.05
CA LEU A 91 5.65 -1.01 -14.67
C LEU A 91 6.40 -2.23 -14.18
N VAL A 92 7.45 -2.02 -13.41
CA VAL A 92 8.05 -3.07 -12.61
C VAL A 92 7.67 -2.79 -11.16
N ILE A 93 7.06 -3.77 -10.51
CA ILE A 93 6.61 -3.62 -9.14
C ILE A 93 7.07 -4.79 -8.30
N SER A 94 7.10 -4.60 -6.99
CA SER A 94 7.21 -5.74 -6.09
C SER A 94 5.92 -5.90 -5.32
N GLN A 95 5.61 -7.14 -4.99
CA GLN A 95 4.34 -7.49 -4.37
C GLN A 95 4.61 -8.39 -3.18
N PRO A 96 3.78 -8.29 -2.13
CA PRO A 96 3.90 -9.19 -0.98
C PRO A 96 3.70 -10.64 -1.41
N SER B 4 -19.90 -4.91 -6.27
CA SER B 4 -18.74 -5.19 -5.43
C SER B 4 -17.56 -4.18 -5.51
N PRO B 5 -17.77 -2.96 -6.05
CA PRO B 5 -16.55 -2.18 -6.24
C PRO B 5 -16.00 -1.51 -4.97
N GLU B 6 -16.82 -1.37 -3.94
CA GLU B 6 -16.43 -0.62 -2.74
C GLU B 6 -15.29 -1.28 -1.98
N ARG B 7 -14.49 -0.46 -1.31
CA ARG B 7 -13.51 -0.94 -0.34
C ARG B 7 -14.19 -1.49 0.90
N GLU B 8 -13.40 -2.11 1.77
CA GLU B 8 -13.92 -2.73 2.97
C GLU B 8 -13.31 -2.11 4.23
N ILE B 9 -14.13 -1.96 5.26
CA ILE B 9 -13.68 -1.51 6.58
C ILE B 9 -13.66 -2.71 7.52
N THR B 10 -12.55 -2.91 8.22
CA THR B 10 -12.42 -4.06 9.11
C THR B 10 -11.76 -3.64 10.42
N LEU B 11 -12.04 -4.38 11.49
CA LEU B 11 -11.39 -4.16 12.77
C LEU B 11 -10.38 -5.29 12.99
N VAL B 12 -9.21 -4.93 13.50
CA VAL B 12 -8.16 -5.91 13.77
C VAL B 12 -7.67 -5.79 15.20
N ASN B 13 -7.69 -6.88 15.95
CA ASN B 13 -7.15 -6.83 17.31
C ASN B 13 -5.79 -7.48 17.34
N LEU B 14 -4.80 -6.76 17.84
CA LEU B 14 -3.43 -7.28 17.87
C LEU B 14 -2.85 -7.15 19.27
N LYS B 15 -1.93 -8.04 19.61
CA LYS B 15 -1.16 -7.87 20.83
C LYS B 15 0.32 -7.78 20.44
N LYS B 16 0.98 -6.71 20.88
CA LYS B 16 2.41 -6.52 20.60
C LYS B 16 3.24 -7.70 21.07
N ASP B 17 4.26 -8.02 20.28
CA ASP B 17 5.23 -9.07 20.58
C ASP B 17 6.59 -8.46 20.90
N ALA B 18 7.37 -9.11 21.74
CA ALA B 18 8.69 -8.60 22.13
C ALA B 18 9.60 -8.31 20.94
N LYS B 19 9.61 -9.21 19.96
CA LYS B 19 10.51 -9.04 18.84
C LYS B 19 9.93 -8.19 17.71
N TYR B 20 8.63 -8.34 17.46
CA TYR B 20 8.04 -7.75 16.27
C TYR B 20 7.23 -6.49 16.53
N GLY B 21 7.00 -6.16 17.80
CA GLY B 21 6.06 -5.10 18.11
C GLY B 21 4.72 -5.50 17.54
N LEU B 22 4.07 -4.60 16.78
CA LEU B 22 2.82 -4.95 16.13
C LEU B 22 3.06 -5.78 14.86
N GLY B 23 4.26 -5.69 14.32
CA GLY B 23 4.63 -6.51 13.16
C GLY B 23 4.22 -5.89 11.83
N PHE B 24 4.23 -4.57 11.75
CA PHE B 24 4.03 -3.91 10.47
C PHE B 24 4.65 -2.53 10.46
N GLN B 25 4.92 -2.04 9.26
CA GLN B 25 5.51 -0.72 9.05
C GLN B 25 4.50 0.15 8.34
N ILE B 26 4.62 1.46 8.54
CA ILE B 26 3.71 2.38 7.87
C ILE B 26 4.45 3.40 7.02
N ILE B 27 3.73 3.94 6.04
CA ILE B 27 4.22 5.01 5.19
C ILE B 27 3.18 6.12 5.09
N GLY B 28 3.61 7.29 4.64
CA GLY B 28 2.71 8.42 4.46
C GLY B 28 3.44 9.74 4.53
N GLY B 29 2.77 10.81 4.14
CA GLY B 29 3.38 12.14 4.16
C GLY B 29 3.36 12.76 5.54
N GLU B 30 3.88 13.98 5.65
CA GLU B 30 3.89 14.71 6.92
C GLU B 30 2.89 15.87 6.97
N LYS B 31 2.46 16.34 5.80
CA LYS B 31 1.49 17.42 5.79
C LYS B 31 0.09 16.88 5.58
N MET B 32 -0.72 17.01 6.62
CA MET B 32 -2.08 16.45 6.66
C MET B 32 -3.10 17.52 6.94
N GLY B 33 -4.12 17.59 6.11
CA GLY B 33 -5.29 18.40 6.44
C GLY B 33 -6.05 17.72 7.57
N ARG B 34 -6.93 18.48 8.21
CA ARG B 34 -7.63 18.03 9.42
C ARG B 34 -8.37 16.71 9.24
N LEU B 35 -8.85 16.47 8.02
CA LEU B 35 -9.65 15.27 7.73
C LEU B 35 -8.90 14.28 6.84
N ASP B 36 -7.64 14.56 6.55
CA ASP B 36 -6.87 13.66 5.69
C ASP B 36 -6.51 12.37 6.41
N LEU B 37 -6.59 11.25 5.70
CA LEU B 37 -6.12 9.97 6.20
C LEU B 37 -5.01 9.45 5.29
N GLY B 38 -3.77 9.73 5.67
CA GLY B 38 -2.67 9.44 4.76
C GLY B 38 -1.71 8.37 5.23
N ILE B 39 -2.15 7.56 6.19
CA ILE B 39 -1.27 6.53 6.75
C ILE B 39 -1.64 5.17 6.18
N PHE B 40 -0.66 4.49 5.60
CA PHE B 40 -0.87 3.18 4.99
C PHE B 40 0.19 2.17 5.43
N ILE B 41 -0.15 0.88 5.31
CA ILE B 41 0.78 -0.19 5.64
C ILE B 41 1.75 -0.43 4.48
N SER B 42 3.04 -0.47 4.75
CA SER B 42 3.99 -0.73 3.68
C SER B 42 4.51 -2.17 3.71
N SER B 43 4.58 -2.77 4.90
CA SER B 43 5.09 -4.15 5.00
C SER B 43 4.53 -4.79 6.26
N VAL B 44 4.43 -6.11 6.23
CA VAL B 44 3.98 -6.88 7.38
C VAL B 44 4.98 -7.99 7.61
N ALA B 45 5.54 -8.05 8.81
CA ALA B 45 6.65 -8.95 9.11
C ALA B 45 6.18 -10.39 9.29
N PRO B 46 6.73 -11.32 8.48
CA PRO B 46 6.47 -12.73 8.71
C PRO B 46 6.77 -13.14 10.15
N GLY B 47 5.81 -13.81 10.79
CA GLY B 47 5.97 -14.22 12.17
C GLY B 47 5.44 -13.24 13.19
N GLY B 48 5.19 -12.00 12.78
CA GLY B 48 4.71 -10.99 13.71
C GLY B 48 3.22 -11.03 13.96
N PRO B 49 2.74 -10.26 14.95
CA PRO B 49 1.32 -10.33 15.31
C PRO B 49 0.40 -10.02 14.12
N ALA B 50 0.68 -8.97 13.35
CA ALA B 50 -0.15 -8.66 12.20
C ALA B 50 -0.23 -9.83 11.21
N ASP B 51 0.92 -10.42 10.89
CA ASP B 51 0.98 -11.61 10.04
C ASP B 51 0.15 -12.78 10.59
N LEU B 52 0.40 -13.14 11.84
CA LEU B 52 -0.24 -14.30 12.43
C LEU B 52 -1.75 -14.12 12.57
N ASP B 53 -2.17 -12.88 12.82
CA ASP B 53 -3.59 -12.56 12.82
C ASP B 53 -4.21 -12.74 11.44
N GLY B 54 -3.46 -12.45 10.39
CA GLY B 54 -3.89 -12.75 9.03
C GLY B 54 -4.77 -11.74 8.32
N CYS B 55 -5.14 -10.65 8.98
CA CYS B 55 -6.05 -9.69 8.35
C CYS B 55 -5.33 -8.50 7.71
N LEU B 56 -4.42 -7.87 8.46
CA LEU B 56 -3.72 -6.68 8.00
C LEU B 56 -2.73 -7.02 6.88
N LYS B 57 -2.75 -6.23 5.80
CA LYS B 57 -1.87 -6.47 4.66
C LYS B 57 -1.22 -5.17 4.19
N PRO B 58 -0.06 -5.26 3.51
CA PRO B 58 0.47 -4.04 2.89
C PRO B 58 -0.57 -3.38 1.97
N GLY B 59 -0.63 -2.06 2.00
CA GLY B 59 -1.61 -1.32 1.22
C GLY B 59 -2.84 -0.93 2.01
N ASP B 60 -3.07 -1.58 3.15
CA ASP B 60 -4.26 -1.23 3.94
C ASP B 60 -4.10 0.17 4.50
N ARG B 61 -5.22 0.84 4.75
CA ARG B 61 -5.19 2.22 5.22
C ARG B 61 -5.54 2.24 6.70
N LEU B 62 -4.70 2.89 7.51
CA LEU B 62 -4.92 2.91 8.95
C LEU B 62 -5.81 4.06 9.39
N ILE B 63 -6.96 3.73 9.94
CA ILE B 63 -7.96 4.74 10.27
C ILE B 63 -7.97 5.11 11.75
N SER B 64 -7.81 4.13 12.64
CA SER B 64 -7.71 4.47 14.06
C SER B 64 -6.91 3.45 14.86
N VAL B 65 -6.39 3.93 15.98
CA VAL B 65 -5.65 3.09 16.92
C VAL B 65 -6.33 3.24 18.26
N ASN B 66 -6.98 2.17 18.74
CA ASN B 66 -7.74 2.20 19.99
C ASN B 66 -8.70 3.39 20.03
N SER B 67 -9.41 3.58 18.91
CA SER B 67 -10.45 4.60 18.71
C SER B 67 -9.90 6.01 18.44
N VAL B 68 -8.61 6.21 18.60
CA VAL B 68 -8.02 7.50 18.25
C VAL B 68 -7.91 7.59 16.73
N SER B 69 -8.62 8.55 16.13
CA SER B 69 -8.59 8.72 14.68
C SER B 69 -7.23 9.23 14.19
N LEU B 70 -6.81 8.74 13.02
CA LEU B 70 -5.59 9.22 12.39
C LEU B 70 -5.90 10.32 11.38
N GLU B 71 -7.12 10.84 11.42
CA GLU B 71 -7.48 12.01 10.62
C GLU B 71 -6.60 13.18 11.00
N GLY B 72 -5.92 13.76 10.02
CA GLY B 72 -5.06 14.90 10.26
C GLY B 72 -3.74 14.55 10.91
N VAL B 73 -3.43 13.26 11.00
CA VAL B 73 -2.25 12.83 11.72
C VAL B 73 -1.09 12.53 10.75
N SER B 74 0.06 13.15 11.01
CA SER B 74 1.25 12.98 10.18
C SER B 74 1.88 11.61 10.34
N HIS B 75 2.71 11.21 9.38
CA HIS B 75 3.47 9.96 9.50
C HIS B 75 4.26 9.94 10.82
N HIS B 76 4.93 11.04 11.13
CA HIS B 76 5.75 11.11 12.33
C HIS B 76 4.91 10.90 13.59
N ALA B 77 3.76 11.56 13.65
CA ALA B 77 2.87 11.44 14.79
C ALA B 77 2.27 10.03 14.87
N ALA B 78 2.00 9.41 13.72
CA ALA B 78 1.43 8.07 13.70
C ALA B 78 2.42 7.02 14.21
N ILE B 79 3.69 7.18 13.86
CA ILE B 79 4.71 6.27 14.37
C ILE B 79 4.77 6.32 15.90
N GLU B 80 4.74 7.54 16.44
CA GLU B 80 4.74 7.72 17.88
C GLU B 80 3.48 7.13 18.52
N ILE B 81 2.32 7.34 17.92
CA ILE B 81 1.08 6.75 18.42
C ILE B 81 1.19 5.21 18.48
N LEU B 82 1.73 4.61 17.42
CA LEU B 82 1.86 3.15 17.38
C LEU B 82 2.92 2.66 18.38
N GLN B 83 4.05 3.35 18.46
CA GLN B 83 5.10 2.97 19.39
C GLN B 83 4.66 3.14 20.84
N ASN B 84 3.89 4.19 21.11
CA ASN B 84 3.45 4.51 22.47
C ASN B 84 2.23 3.71 22.90
N ALA B 85 1.60 3.04 21.95
CA ALA B 85 0.39 2.27 22.24
C ALA B 85 0.66 1.12 23.23
N PRO B 86 -0.37 0.74 24.01
CA PRO B 86 -0.22 -0.39 24.91
C PRO B 86 -0.09 -1.70 24.14
N GLU B 87 0.18 -2.81 24.83
CA GLU B 87 0.34 -4.08 24.14
C GLU B 87 -0.91 -4.48 23.35
N ASP B 88 -2.10 -4.24 23.91
CA ASP B 88 -3.33 -4.62 23.22
C ASP B 88 -3.87 -3.45 22.42
N VAL B 89 -3.96 -3.62 21.10
CA VAL B 89 -4.50 -2.57 20.24
C VAL B 89 -5.62 -3.08 19.35
N THR B 90 -6.63 -2.24 19.17
CA THR B 90 -7.67 -2.48 18.18
C THR B 90 -7.52 -1.46 17.07
N LEU B 91 -7.30 -1.95 15.85
CA LEU B 91 -7.14 -1.07 14.69
C LEU B 91 -8.39 -1.07 13.81
N VAL B 92 -8.80 0.11 13.36
CA VAL B 92 -9.77 0.19 12.28
C VAL B 92 -9.00 0.50 11.02
N ILE B 93 -9.20 -0.32 9.99
CA ILE B 93 -8.50 -0.15 8.74
C ILE B 93 -9.48 -0.23 7.58
N SER B 94 -9.07 0.33 6.45
CA SER B 94 -9.78 0.07 5.20
C SER B 94 -8.87 -0.73 4.28
N GLN B 95 -9.49 -1.56 3.46
CA GLN B 95 -8.79 -2.48 2.60
C GLN B 95 -9.42 -2.44 1.22
N PRO B 96 -8.65 -2.71 0.18
CA PRO B 96 -9.25 -2.80 -1.15
C PRO B 96 -10.34 -3.87 -1.19
N MET C 3 21.47 15.56 -9.14
CA MET C 3 22.93 15.58 -9.24
C MET C 3 23.43 14.45 -10.11
N SER C 4 22.61 13.41 -10.21
CA SER C 4 22.82 12.32 -11.16
C SER C 4 21.44 11.97 -11.71
N PRO C 5 21.37 11.54 -12.97
CA PRO C 5 20.04 11.32 -13.55
C PRO C 5 19.31 10.18 -12.87
N GLU C 6 18.02 10.03 -13.13
CA GLU C 6 17.28 8.88 -12.64
C GLU C 6 18.03 7.63 -13.07
N ARG C 7 17.96 6.60 -12.25
CA ARG C 7 18.59 5.35 -12.57
C ARG C 7 17.75 4.60 -13.59
N GLU C 8 18.26 3.47 -14.05
CA GLU C 8 17.63 2.69 -15.09
C GLU C 8 17.37 1.27 -14.62
N ILE C 9 16.16 0.78 -14.86
CA ILE C 9 15.80 -0.59 -14.57
C ILE C 9 15.83 -1.39 -15.87
N THR C 10 16.50 -2.53 -15.84
CA THR C 10 16.63 -3.38 -17.02
C THR C 10 16.29 -4.83 -16.67
N LEU C 11 15.60 -5.51 -17.58
CA LEU C 11 15.40 -6.94 -17.46
C LEU C 11 16.47 -7.67 -18.28
N VAL C 12 17.24 -8.54 -17.65
CA VAL C 12 18.32 -9.23 -18.34
C VAL C 12 17.99 -10.71 -18.45
N ASN C 13 17.92 -11.22 -19.67
CA ASN C 13 17.58 -12.61 -19.90
C ASN C 13 18.83 -13.43 -20.17
N LEU C 14 19.12 -14.35 -19.27
CA LEU C 14 20.31 -15.18 -19.36
C LEU C 14 19.93 -16.65 -19.32
N LYS C 15 20.82 -17.47 -19.85
CA LYS C 15 20.70 -18.90 -19.75
C LYS C 15 21.92 -19.42 -19.01
N LYS C 16 21.71 -20.29 -18.03
CA LYS C 16 22.82 -20.87 -17.30
C LYS C 16 23.68 -21.70 -18.23
N ASP C 17 24.99 -21.60 -18.06
CA ASP C 17 25.95 -22.33 -18.86
C ASP C 17 26.66 -23.38 -18.00
N ALA C 18 26.99 -24.52 -18.60
CA ALA C 18 27.59 -25.61 -17.85
C ALA C 18 28.90 -25.18 -17.19
N LYS C 19 29.72 -24.40 -17.90
CA LYS C 19 31.01 -24.01 -17.36
C LYS C 19 30.91 -22.77 -16.47
N TYR C 20 30.09 -21.80 -16.87
CA TYR C 20 30.11 -20.49 -16.22
C TYR C 20 28.95 -20.24 -15.24
N GLY C 21 27.94 -21.09 -15.27
CA GLY C 21 26.72 -20.77 -14.54
C GLY C 21 26.13 -19.55 -15.23
N LEU C 22 25.74 -18.54 -14.44
CA LEU C 22 25.25 -17.29 -15.03
C LEU C 22 26.39 -16.34 -15.35
N GLY C 23 27.60 -16.63 -14.86
CA GLY C 23 28.75 -15.81 -15.15
C GLY C 23 28.88 -14.51 -14.38
N PHE C 24 28.41 -14.49 -13.13
CA PHE C 24 28.65 -13.35 -12.28
C PHE C 24 28.61 -13.73 -10.82
N GLN C 25 29.16 -12.84 -10.00
CA GLN C 25 29.17 -13.00 -8.55
C GLN C 25 28.42 -11.85 -7.93
N ILE C 26 28.00 -12.02 -6.67
CA ILE C 26 27.31 -10.97 -5.94
C ILE C 26 27.94 -10.69 -4.59
N ILE C 27 27.70 -9.50 -4.07
CA ILE C 27 28.06 -9.18 -2.69
C ILE C 27 26.86 -8.59 -1.99
N GLY C 28 26.89 -8.64 -0.66
CA GLY C 28 25.85 -8.01 0.14
C GLY C 28 25.96 -8.44 1.59
N GLY C 29 25.23 -7.76 2.47
CA GLY C 29 25.22 -8.09 3.89
C GLY C 29 24.30 -9.27 4.18
N GLU C 30 24.24 -9.68 5.44
CA GLU C 30 23.35 -10.78 5.81
C GLU C 30 22.12 -10.27 6.56
N LYS C 31 22.21 -9.07 7.13
CA LYS C 31 21.17 -8.58 8.03
C LYS C 31 20.22 -7.56 7.39
N MET C 32 19.51 -7.98 6.34
CA MET C 32 18.60 -7.08 5.64
C MET C 32 17.27 -6.90 6.35
N GLY C 33 16.72 -5.70 6.28
CA GLY C 33 15.36 -5.44 6.68
C GLY C 33 14.42 -5.96 5.60
N ARG C 34 13.15 -6.07 5.93
CA ARG C 34 12.14 -6.66 5.06
C ARG C 34 12.12 -6.12 3.62
N LEU C 35 12.24 -4.80 3.47
CA LEU C 35 12.16 -4.18 2.15
C LEU C 35 13.53 -3.70 1.64
N ASP C 36 14.59 -4.08 2.34
CA ASP C 36 15.95 -3.75 1.89
C ASP C 36 16.34 -4.49 0.61
N LEU C 37 16.99 -3.78 -0.29
CA LEU C 37 17.62 -4.42 -1.45
C LEU C 37 19.12 -4.19 -1.36
N GLY C 38 19.83 -5.16 -0.78
CA GLY C 38 21.24 -4.98 -0.50
C GLY C 38 22.18 -5.87 -1.31
N ILE C 39 21.66 -6.45 -2.38
CA ILE C 39 22.46 -7.34 -3.22
C ILE C 39 22.98 -6.62 -4.47
N PHE C 40 24.28 -6.71 -4.71
CA PHE C 40 24.91 -6.03 -5.84
C PHE C 40 25.83 -6.97 -6.61
N ILE C 41 26.01 -6.69 -7.90
CA ILE C 41 26.95 -7.45 -8.72
C ILE C 41 28.38 -7.11 -8.33
N SER C 42 29.21 -8.13 -8.11
CA SER C 42 30.60 -7.88 -7.74
C SER C 42 31.60 -8.13 -8.87
N SER C 43 31.29 -9.09 -9.74
CA SER C 43 32.19 -9.43 -10.84
C SER C 43 31.40 -10.07 -11.96
N VAL C 44 31.89 -9.96 -13.19
CA VAL C 44 31.27 -10.57 -14.36
C VAL C 44 32.35 -11.34 -15.13
N ALA C 45 32.13 -12.64 -15.31
CA ALA C 45 33.18 -13.53 -15.84
C ALA C 45 33.34 -13.36 -17.36
N PRO C 46 34.58 -13.09 -17.83
CA PRO C 46 34.81 -13.00 -19.28
C PRO C 46 34.36 -14.25 -20.01
N GLY C 47 33.48 -14.10 -20.99
CA GLY C 47 33.03 -15.23 -21.79
C GLY C 47 31.80 -15.95 -21.26
N GLY C 48 31.37 -15.60 -20.05
CA GLY C 48 30.16 -16.19 -19.49
C GLY C 48 28.88 -15.49 -19.93
N PRO C 49 27.71 -16.03 -19.55
CA PRO C 49 26.44 -15.48 -20.02
C PRO C 49 26.28 -13.97 -19.76
N ALA C 50 26.54 -13.51 -18.53
CA ALA C 50 26.33 -12.11 -18.22
C ALA C 50 27.23 -11.22 -19.06
N ASP C 51 28.48 -11.65 -19.26
CA ASP C 51 29.44 -10.89 -20.06
C ASP C 51 29.00 -10.80 -21.51
N LEU C 52 28.64 -11.95 -22.07
CA LEU C 52 28.26 -12.05 -23.48
C LEU C 52 27.02 -11.20 -23.75
N ASP C 53 26.12 -11.17 -22.78
CA ASP C 53 24.90 -10.38 -22.92
C ASP C 53 25.18 -8.87 -22.97
N GLY C 54 26.18 -8.44 -22.21
CA GLY C 54 26.69 -7.08 -22.33
C GLY C 54 26.12 -6.04 -21.38
N CYS C 55 25.05 -6.38 -20.68
CA CYS C 55 24.35 -5.41 -19.86
C CYS C 55 24.88 -5.30 -18.43
N LEU C 56 24.96 -6.45 -17.77
CA LEU C 56 25.32 -6.52 -16.36
C LEU C 56 26.74 -6.02 -16.10
N LYS C 57 26.92 -5.16 -15.11
CA LYS C 57 28.25 -4.65 -14.76
C LYS C 57 28.46 -4.68 -13.26
N PRO C 58 29.73 -4.82 -12.82
CA PRO C 58 29.99 -4.72 -11.38
C PRO C 58 29.43 -3.41 -10.80
N GLY C 59 28.83 -3.50 -9.63
CA GLY C 59 28.19 -2.34 -9.01
C GLY C 59 26.70 -2.30 -9.23
N ASP C 60 26.22 -3.01 -10.25
CA ASP C 60 24.78 -3.02 -10.53
C ASP C 60 24.01 -3.64 -9.36
N ARG C 61 22.77 -3.20 -9.19
CA ARG C 61 21.92 -3.68 -8.11
C ARG C 61 21.01 -4.80 -8.61
N LEU C 62 21.03 -5.93 -7.93
CA LEU C 62 20.23 -7.08 -8.34
C LEU C 62 18.92 -7.08 -7.55
N ILE C 63 17.81 -6.88 -8.27
CA ILE C 63 16.51 -6.69 -7.63
C ILE C 63 15.68 -7.97 -7.61
N SER C 64 15.81 -8.80 -8.64
CA SER C 64 15.08 -10.05 -8.65
C SER C 64 15.74 -11.14 -9.48
N VAL C 65 15.36 -12.37 -9.18
CA VAL C 65 15.79 -13.55 -9.92
C VAL C 65 14.51 -14.26 -10.36
N ASN C 66 14.24 -14.22 -11.66
CA ASN C 66 12.92 -14.52 -12.18
C ASN C 66 11.89 -13.68 -11.39
N SER C 67 10.87 -14.30 -10.83
CA SER C 67 9.88 -13.49 -10.10
C SER C 67 10.21 -13.37 -8.61
N VAL C 68 11.35 -13.92 -8.20
CA VAL C 68 11.68 -13.89 -6.78
C VAL C 68 12.38 -12.58 -6.44
N SER C 69 11.73 -11.75 -5.61
CA SER C 69 12.33 -10.49 -5.18
C SER C 69 13.49 -10.75 -4.23
N LEU C 70 14.52 -9.90 -4.30
CA LEU C 70 15.60 -9.97 -3.32
C LEU C 70 15.37 -9.02 -2.14
N GLU C 71 14.16 -8.46 -2.03
CA GLU C 71 13.82 -7.63 -0.88
C GLU C 71 13.95 -8.44 0.41
N GLY C 72 14.78 -7.94 1.33
CA GLY C 72 14.97 -8.61 2.61
C GLY C 72 15.78 -9.88 2.55
N VAL C 73 16.40 -10.16 1.41
CA VAL C 73 17.16 -11.38 1.21
C VAL C 73 18.63 -11.16 1.53
N SER C 74 19.17 -12.01 2.41
CA SER C 74 20.59 -11.97 2.75
C SER C 74 21.49 -12.39 1.58
N HIS C 75 22.77 -12.05 1.70
CA HIS C 75 23.74 -12.53 0.74
C HIS C 75 23.69 -14.05 0.60
N HIS C 76 23.64 -14.74 1.74
CA HIS C 76 23.58 -16.21 1.72
C HIS C 76 22.37 -16.71 0.96
N ALA C 77 21.20 -16.17 1.29
CA ALA C 77 19.97 -16.61 0.66
C ALA C 77 19.94 -16.25 -0.82
N ALA C 78 20.53 -15.13 -1.20
CA ALA C 78 20.54 -14.72 -2.60
C ALA C 78 21.37 -15.70 -3.43
N ILE C 79 22.50 -16.13 -2.89
CA ILE C 79 23.33 -17.14 -3.54
C ILE C 79 22.49 -18.39 -3.79
N GLU C 80 21.73 -18.79 -2.78
CA GLU C 80 20.94 -20.00 -2.90
C GLU C 80 19.79 -19.83 -3.88
N ILE C 81 19.22 -18.63 -3.94
CA ILE C 81 18.17 -18.34 -4.91
C ILE C 81 18.72 -18.46 -6.35
N LEU C 82 19.90 -17.89 -6.57
CA LEU C 82 20.56 -17.97 -7.88
C LEU C 82 20.90 -19.40 -8.26
N GLN C 83 21.41 -20.16 -7.29
CA GLN C 83 21.76 -21.57 -7.52
C GLN C 83 20.57 -22.42 -7.89
N ASN C 84 19.46 -22.19 -7.19
CA ASN C 84 18.25 -22.98 -7.34
C ASN C 84 17.48 -22.65 -8.60
N ALA C 85 17.75 -21.48 -9.17
CA ALA C 85 17.04 -21.03 -10.36
C ALA C 85 17.17 -22.03 -11.50
N PRO C 86 16.13 -22.13 -12.34
CA PRO C 86 16.20 -22.99 -13.52
C PRO C 86 17.18 -22.41 -14.54
N GLU C 87 17.42 -23.12 -15.64
CA GLU C 87 18.38 -22.65 -16.62
C GLU C 87 18.00 -21.31 -17.25
N ASP C 88 16.71 -21.10 -17.49
CA ASP C 88 16.26 -19.81 -18.01
C ASP C 88 16.04 -18.84 -16.86
N VAL C 89 16.78 -17.75 -16.89
CA VAL C 89 16.78 -16.77 -15.81
C VAL C 89 16.57 -15.36 -16.35
N THR C 90 15.60 -14.66 -15.75
CA THR C 90 15.45 -13.24 -16.01
C THR C 90 15.81 -12.48 -14.75
N LEU C 91 16.78 -11.58 -14.86
CA LEU C 91 17.16 -10.71 -13.76
C LEU C 91 16.55 -9.33 -13.95
N VAL C 92 16.03 -8.77 -12.87
CA VAL C 92 15.74 -7.34 -12.87
C VAL C 92 16.88 -6.65 -12.14
N ILE C 93 17.50 -5.67 -12.80
CA ILE C 93 18.59 -4.92 -12.19
C ILE C 93 18.34 -3.43 -12.28
N SER C 94 19.04 -2.67 -11.44
CA SER C 94 19.10 -1.23 -11.62
C SER C 94 20.56 -0.83 -11.86
N GLN C 95 20.72 0.22 -12.66
CA GLN C 95 22.03 0.72 -13.08
C GLN C 95 22.06 2.24 -12.99
N PRO C 96 23.25 2.86 -12.93
CA PRO C 96 23.28 4.32 -12.94
C PRO C 96 22.63 4.90 -14.19
N GLY D 1 7.62 13.68 20.04
CA GLY D 1 6.41 14.33 20.49
C GLY D 1 5.56 14.80 19.32
N HIS D 2 4.27 15.03 19.57
CA HIS D 2 3.38 15.46 18.50
C HIS D 2 2.10 16.09 19.03
N MET D 3 1.41 16.81 18.17
CA MET D 3 0.09 17.35 18.47
C MET D 3 -0.86 16.19 18.71
N SER D 4 -1.55 16.21 19.84
CA SER D 4 -2.52 15.16 20.17
C SER D 4 -3.65 15.13 19.14
N PRO D 5 -3.95 13.94 18.59
CA PRO D 5 -5.04 13.83 17.61
C PRO D 5 -6.36 14.31 18.21
N GLU D 6 -7.20 14.95 17.41
CA GLU D 6 -8.43 15.53 17.94
C GLU D 6 -9.66 14.64 17.82
N ARG D 7 -9.71 13.79 16.80
CA ARG D 7 -10.94 13.08 16.48
C ARG D 7 -10.93 11.64 16.98
N GLU D 8 -12.10 11.02 17.00
CA GLU D 8 -12.22 9.64 17.42
C GLU D 8 -13.09 8.88 16.44
N ILE D 9 -12.89 7.57 16.39
CA ILE D 9 -13.75 6.68 15.63
C ILE D 9 -14.76 6.06 16.58
N THR D 10 -15.99 5.92 16.11
CA THR D 10 -17.07 5.33 16.90
C THR D 10 -17.83 4.32 16.07
N LEU D 11 -18.23 3.23 16.70
CA LEU D 11 -19.11 2.26 16.04
C LEU D 11 -20.52 2.46 16.55
N VAL D 12 -21.46 2.72 15.64
CA VAL D 12 -22.85 2.95 16.01
C VAL D 12 -23.73 1.82 15.47
N ASN D 13 -24.37 1.10 16.39
CA ASN D 13 -25.21 -0.03 16.03
C ASN D 13 -26.68 0.37 16.00
N LEU D 14 -27.29 0.27 14.82
CA LEU D 14 -28.67 0.69 14.64
C LEU D 14 -29.50 -0.43 14.01
N LYS D 15 -30.82 -0.36 14.19
CA LYS D 15 -31.72 -1.26 13.48
C LYS D 15 -32.69 -0.44 12.62
N LYS D 16 -32.81 -0.80 11.36
CA LYS D 16 -33.75 -0.12 10.47
C LYS D 16 -35.17 -0.27 10.96
N ASP D 17 -35.91 0.84 10.87
CA ASP D 17 -37.31 0.91 11.24
C ASP D 17 -38.14 1.06 9.96
N ALA D 18 -39.28 0.38 9.87
CA ALA D 18 -40.08 0.43 8.65
C ALA D 18 -40.50 1.86 8.29
N LYS D 19 -40.65 2.68 9.31
CA LYS D 19 -41.13 4.03 9.18
C LYS D 19 -39.96 5.00 8.87
N TYR D 20 -38.87 4.85 9.61
CA TYR D 20 -37.73 5.78 9.50
C TYR D 20 -36.58 5.31 8.62
N GLY D 21 -36.47 4.02 8.37
CA GLY D 21 -35.21 3.47 7.90
C GLY D 21 -34.23 3.59 9.05
N LEU D 22 -33.06 4.19 8.80
CA LEU D 22 -32.09 4.38 9.88
C LEU D 22 -32.30 5.71 10.60
N GLY D 23 -33.09 6.60 10.01
CA GLY D 23 -33.43 7.87 10.65
C GLY D 23 -32.35 8.94 10.51
N PHE D 24 -31.62 8.95 9.41
CA PHE D 24 -30.71 10.07 9.15
C PHE D 24 -30.52 10.28 7.67
N GLN D 25 -30.03 11.47 7.32
CA GLN D 25 -29.78 11.85 5.95
C GLN D 25 -28.30 12.17 5.80
N ILE D 26 -27.80 12.10 4.56
CA ILE D 26 -26.39 12.43 4.32
C ILE D 26 -26.22 13.54 3.31
N ILE D 27 -25.08 14.20 3.41
CA ILE D 27 -24.65 15.20 2.44
C ILE D 27 -23.27 14.82 1.93
N GLY D 28 -22.97 15.18 0.68
CA GLY D 28 -21.63 15.02 0.17
C GLY D 28 -21.41 13.81 -0.71
N GLY D 29 -20.17 13.69 -1.19
CA GLY D 29 -19.77 12.63 -2.08
C GLY D 29 -18.30 12.83 -2.37
N GLU D 30 -17.66 11.81 -2.96
CA GLU D 30 -16.25 11.97 -3.29
C GLU D 30 -16.09 13.04 -4.36
N LYS D 31 -14.97 13.76 -4.27
CA LYS D 31 -14.57 14.67 -5.32
C LYS D 31 -13.15 14.34 -5.78
N MET D 32 -12.35 13.79 -4.87
CA MET D 32 -10.94 13.56 -5.14
C MET D 32 -10.62 12.11 -5.44
N GLY D 33 -11.64 11.31 -5.73
CA GLY D 33 -11.42 9.94 -6.17
C GLY D 33 -11.53 8.85 -5.12
N ARG D 34 -10.90 7.72 -5.43
CA ARG D 34 -11.06 6.43 -4.74
C ARG D 34 -10.89 6.42 -3.22
N LEU D 35 -10.06 7.31 -2.68
CA LEU D 35 -9.77 7.31 -1.26
C LEU D 35 -10.53 8.41 -0.51
N ASP D 36 -11.26 9.24 -1.24
CA ASP D 36 -11.93 10.40 -0.66
C ASP D 36 -13.16 9.97 0.16
N LEU D 37 -13.20 10.40 1.42
CA LEU D 37 -14.35 10.17 2.28
C LEU D 37 -15.13 11.47 2.40
N GLY D 38 -16.10 11.66 1.52
CA GLY D 38 -16.78 12.94 1.43
C GLY D 38 -18.19 12.94 1.98
N ILE D 39 -18.57 11.86 2.67
CA ILE D 39 -19.96 11.74 3.15
C ILE D 39 -20.09 12.15 4.61
N PHE D 40 -21.04 13.03 4.88
CA PHE D 40 -21.28 13.49 6.24
C PHE D 40 -22.76 13.39 6.60
N ILE D 41 -23.05 13.29 7.90
CA ILE D 41 -24.43 13.28 8.36
C ILE D 41 -25.03 14.68 8.25
N SER D 42 -26.15 14.82 7.55
CA SER D 42 -26.75 16.15 7.36
C SER D 42 -27.89 16.40 8.33
N SER D 43 -28.57 15.34 8.74
CA SER D 43 -29.67 15.46 9.70
C SER D 43 -29.97 14.15 10.39
N VAL D 44 -30.57 14.23 11.57
CA VAL D 44 -30.99 13.07 12.33
C VAL D 44 -32.47 13.26 12.69
N ALA D 45 -33.30 12.30 12.29
CA ALA D 45 -34.75 12.45 12.39
C ALA D 45 -35.20 12.24 13.83
N PRO D 46 -35.97 13.20 14.38
CA PRO D 46 -36.46 13.05 15.76
C PRO D 46 -37.24 11.75 15.95
N GLY D 47 -36.91 10.98 16.97
CA GLY D 47 -37.63 9.75 17.27
C GLY D 47 -37.23 8.54 16.46
N GLY D 48 -36.32 8.71 15.51
CA GLY D 48 -35.86 7.60 14.68
C GLY D 48 -34.72 6.83 15.31
N PRO D 49 -34.29 5.75 14.67
CA PRO D 49 -33.26 4.90 15.29
C PRO D 49 -31.98 5.65 15.66
N ALA D 50 -31.47 6.49 14.76
CA ALA D 50 -30.23 7.19 15.05
C ALA D 50 -30.42 8.16 16.22
N ASP D 51 -31.58 8.81 16.27
CA ASP D 51 -31.85 9.77 17.35
C ASP D 51 -31.93 9.05 18.69
N LEU D 52 -32.67 7.93 18.72
CA LEU D 52 -32.89 7.19 19.95
C LEU D 52 -31.59 6.61 20.50
N ASP D 53 -30.71 6.18 19.60
CA ASP D 53 -29.38 5.71 20.03
C ASP D 53 -28.54 6.82 20.65
N GLY D 54 -28.62 8.02 20.08
CA GLY D 54 -28.09 9.20 20.72
C GLY D 54 -26.67 9.58 20.32
N CYS D 55 -25.98 8.69 19.61
CA CYS D 55 -24.58 8.91 19.29
C CYS D 55 -24.35 9.71 18.01
N LEU D 56 -25.02 9.31 16.95
CA LEU D 56 -24.85 9.94 15.63
C LEU D 56 -25.37 11.37 15.63
N LYS D 57 -24.54 12.30 15.16
CA LYS D 57 -24.89 13.72 15.12
C LYS D 57 -24.68 14.33 13.74
N PRO D 58 -25.52 15.31 13.36
CA PRO D 58 -25.24 16.11 12.17
C PRO D 58 -23.79 16.57 12.18
N GLY D 59 -23.10 16.43 11.05
CA GLY D 59 -21.70 16.84 10.96
C GLY D 59 -20.71 15.70 11.11
N ASP D 60 -21.13 14.60 11.71
CA ASP D 60 -20.26 13.42 11.81
C ASP D 60 -19.91 12.89 10.41
N ARG D 61 -18.74 12.26 10.32
CA ARG D 61 -18.28 11.73 9.05
C ARG D 61 -18.63 10.26 8.95
N LEU D 62 -19.29 9.85 7.86
CA LEU D 62 -19.68 8.45 7.69
C LEU D 62 -18.63 7.68 6.91
N ILE D 63 -17.96 6.74 7.59
CA ILE D 63 -16.86 6.01 6.96
C ILE D 63 -17.32 4.66 6.39
N SER D 64 -18.23 3.98 7.08
CA SER D 64 -18.71 2.69 6.56
C SER D 64 -20.15 2.40 6.93
N VAL D 65 -20.79 1.57 6.12
CA VAL D 65 -22.12 1.03 6.41
C VAL D 65 -21.90 -0.47 6.51
N ASN D 66 -21.94 -0.96 7.75
CA ASN D 66 -21.33 -2.23 8.10
C ASN D 66 -19.89 -2.24 7.56
N SER D 67 -19.56 -3.20 6.70
CA SER D 67 -18.16 -3.30 6.24
C SER D 67 -17.94 -2.57 4.92
N VAL D 68 -19.00 -1.97 4.38
CA VAL D 68 -18.90 -1.30 3.09
C VAL D 68 -18.33 0.10 3.26
N SER D 69 -17.13 0.31 2.74
CA SER D 69 -16.47 1.60 2.87
C SER D 69 -17.12 2.66 1.97
N LEU D 70 -17.18 3.89 2.46
CA LEU D 70 -17.68 4.98 1.64
C LEU D 70 -16.52 5.74 0.96
N GLU D 71 -15.31 5.21 1.09
CA GLU D 71 -14.19 5.78 0.32
C GLU D 71 -14.47 5.80 -1.18
N GLY D 72 -14.35 6.99 -1.79
CA GLY D 72 -14.50 7.10 -3.23
C GLY D 72 -15.94 7.01 -3.73
N VAL D 73 -16.89 7.01 -2.82
CA VAL D 73 -18.28 6.81 -3.19
C VAL D 73 -18.99 8.13 -3.47
N SER D 74 -19.74 8.17 -4.58
CA SER D 74 -20.55 9.32 -4.95
C SER D 74 -21.73 9.48 -4.01
N HIS D 75 -22.38 10.64 -4.07
CA HIS D 75 -23.57 10.87 -3.27
C HIS D 75 -24.65 9.85 -3.60
N HIS D 76 -24.93 9.72 -4.90
CA HIS D 76 -25.91 8.75 -5.40
C HIS D 76 -25.65 7.33 -4.86
N ALA D 77 -24.40 6.88 -4.97
CA ALA D 77 -24.05 5.52 -4.60
C ALA D 77 -24.15 5.33 -3.08
N ALA D 78 -23.83 6.37 -2.33
CA ALA D 78 -23.97 6.30 -0.88
C ALA D 78 -25.42 6.12 -0.47
N ILE D 79 -26.31 6.85 -1.15
CA ILE D 79 -27.74 6.71 -0.91
C ILE D 79 -28.13 5.25 -1.13
N GLU D 80 -27.64 4.68 -2.23
CA GLU D 80 -27.92 3.30 -2.61
C GLU D 80 -27.46 2.31 -1.55
N ILE D 81 -26.23 2.50 -1.09
CA ILE D 81 -25.63 1.62 -0.09
C ILE D 81 -26.45 1.63 1.21
N LEU D 82 -26.86 2.82 1.65
CA LEU D 82 -27.68 2.92 2.86
C LEU D 82 -29.04 2.24 2.67
N GLN D 83 -29.65 2.44 1.50
CA GLN D 83 -30.95 1.85 1.21
C GLN D 83 -30.88 0.33 1.18
N ASN D 84 -29.81 -0.20 0.60
CA ASN D 84 -29.65 -1.64 0.43
C ASN D 84 -29.05 -2.37 1.63
N ALA D 85 -28.62 -1.62 2.63
CA ALA D 85 -28.10 -2.22 3.86
C ALA D 85 -29.18 -3.08 4.53
N PRO D 86 -28.77 -4.14 5.25
CA PRO D 86 -29.73 -4.97 5.97
C PRO D 86 -30.37 -4.24 7.16
N GLU D 87 -31.26 -4.90 7.89
CA GLU D 87 -31.92 -4.30 9.03
C GLU D 87 -30.94 -3.91 10.14
N ASP D 88 -29.97 -4.77 10.41
CA ASP D 88 -28.97 -4.50 11.42
C ASP D 88 -27.76 -3.86 10.77
N VAL D 89 -27.43 -2.65 11.21
CA VAL D 89 -26.36 -1.86 10.60
C VAL D 89 -25.41 -1.34 11.66
N THR D 90 -24.12 -1.56 11.47
CA THR D 90 -23.13 -0.85 12.25
C THR D 90 -22.47 0.21 11.38
N LEU D 91 -22.60 1.46 11.80
CA LEU D 91 -21.92 2.56 11.13
C LEU D 91 -20.55 2.79 11.74
N VAL D 92 -19.49 2.80 10.93
CA VAL D 92 -18.26 3.36 11.44
C VAL D 92 -18.22 4.85 11.09
N ILE D 93 -18.08 5.68 12.12
CA ILE D 93 -18.06 7.13 11.92
C ILE D 93 -16.84 7.72 12.57
N SER D 94 -16.44 8.92 12.14
CA SER D 94 -15.51 9.71 12.93
C SER D 94 -16.25 10.93 13.45
N GLN D 95 -15.86 11.37 14.64
CA GLN D 95 -16.51 12.46 15.35
C GLN D 95 -15.48 13.44 15.90
N PRO D 96 -15.83 14.73 15.93
CA PRO D 96 -14.99 15.75 16.56
C PRO D 96 -15.06 15.64 18.07
#